data_5H3I
#
_entry.id   5H3I
#
_cell.length_a   100.570
_cell.length_b   145.050
_cell.length_c   25.890
_cell.angle_alpha   90.00
_cell.angle_beta   90.00
_cell.angle_gamma   90.00
#
_symmetry.space_group_name_H-M   'P 21 21 2'
#
loop_
_entity.id
_entity.type
_entity.pdbx_description
1 polymer 'Putative Acyl-CoA-binding protein'
2 non-polymer (4S)-2-METHYL-2,4-PENTANEDIOL
3 non-polymer 'ACETATE ION'
4 water water
#
_entity_poly.entity_id   1
_entity_poly.type   'polypeptide(L)'
_entity_poly.pdbx_seq_one_letter_code
;RWGSMGLQEEFEEFAEKAKTLPDTISNEDKLLLYGLYKQATVGPVTTGRPGIFNLKDRYKWDAWKAVEGKSKEEAMADYI
TKVKQLLEEASASTS
;
_entity_poly.pdbx_strand_id   A,B,C,D
#
loop_
_chem_comp.id
_chem_comp.type
_chem_comp.name
_chem_comp.formula
ACT non-polymer 'ACETATE ION' 'C2 H3 O2 -1'
MPD non-polymer (4S)-2-METHYL-2,4-PENTANEDIOL 'C6 H14 O2'
#
# COMPACT_ATOMS: atom_id res chain seq x y z
N GLY A 6 -24.81 8.02 18.37
CA GLY A 6 -24.11 9.29 18.48
C GLY A 6 -22.92 9.39 17.53
N LEU A 7 -21.99 8.44 17.65
CA LEU A 7 -20.81 8.45 16.80
C LEU A 7 -21.17 8.24 15.33
N GLN A 8 -22.06 7.30 15.06
CA GLN A 8 -22.45 7.04 13.66
C GLN A 8 -23.24 8.20 13.08
N GLU A 9 -24.10 8.81 13.88
CA GLU A 9 -24.88 9.95 13.40
C GLU A 9 -23.99 11.17 13.16
N GLU A 10 -22.93 11.33 13.95
CA GLU A 10 -21.99 12.42 13.73
C GLU A 10 -21.07 12.13 12.55
N PHE A 11 -20.71 10.85 12.35
CA PHE A 11 -19.89 10.49 11.19
C PHE A 11 -20.65 10.75 9.89
N GLU A 12 -21.94 10.42 9.86
CA GLU A 12 -22.75 10.71 8.67
C GLU A 12 -22.88 12.22 8.46
N GLU A 13 -22.90 12.99 9.54
CA GLU A 13 -23.05 14.44 9.42
C GLU A 13 -21.82 15.08 8.78
N PHE A 14 -20.63 14.68 9.22
CA PHE A 14 -19.41 15.21 8.63
C PHE A 14 -19.07 14.57 7.29
N ALA A 15 -19.79 13.52 6.89
CA ALA A 15 -19.69 13.05 5.52
C ALA A 15 -20.38 14.01 4.55
N GLU A 16 -21.52 14.56 4.97
CA GLU A 16 -22.15 15.64 4.21
C GLU A 16 -21.29 16.90 4.20
N LYS A 17 -20.71 17.24 5.35
CA LYS A 17 -19.86 18.42 5.43
C LYS A 17 -18.63 18.29 4.53
N ALA A 18 -18.12 17.06 4.37
CA ALA A 18 -16.96 16.87 3.50
C ALA A 18 -17.27 17.20 2.04
N LYS A 19 -18.55 17.08 1.64
CA LYS A 19 -18.92 17.41 0.27
C LYS A 19 -18.81 18.91 0.02
N THR A 20 -18.93 19.73 1.06
CA THR A 20 -18.81 21.18 0.93
C THR A 20 -17.39 21.66 1.22
N LEU A 21 -16.41 20.77 1.17
CA LEU A 21 -15.03 21.19 1.37
C LEU A 21 -14.49 21.85 0.11
N PRO A 22 -13.61 22.83 0.25
CA PRO A 22 -13.01 23.46 -0.94
C PRO A 22 -12.13 22.47 -1.68
N ASP A 23 -12.17 22.56 -3.01
CA ASP A 23 -11.34 21.67 -3.82
C ASP A 23 -9.87 22.00 -3.72
N THR A 24 -9.50 23.13 -3.14
CA THR A 24 -8.10 23.49 -2.98
C THR A 24 -7.36 22.60 -1.99
N ILE A 25 -8.08 21.72 -1.28
CA ILE A 25 -7.41 20.83 -0.34
C ILE A 25 -6.48 19.90 -1.10
N SER A 26 -5.43 19.46 -0.42
CA SER A 26 -4.38 18.68 -1.06
C SER A 26 -4.90 17.32 -1.53
N ASN A 27 -4.23 16.76 -2.54
CA ASN A 27 -4.53 15.41 -2.98
C ASN A 27 -4.32 14.41 -1.85
N GLU A 28 -3.30 14.64 -1.01
CA GLU A 28 -3.05 13.76 0.12
C GLU A 28 -4.22 13.76 1.09
N ASP A 29 -4.78 14.94 1.37
CA ASP A 29 -5.94 15.01 2.28
C ASP A 29 -7.15 14.30 1.69
N LYS A 30 -7.35 14.41 0.37
CA LYS A 30 -8.42 13.67 -0.27
C LYS A 30 -8.22 12.17 -0.13
N LEU A 31 -6.99 11.70 -0.25
CA LEU A 31 -6.70 10.27 -0.08
C LEU A 31 -6.84 9.85 1.38
N LEU A 32 -6.44 10.73 2.31
CA LEU A 32 -6.64 10.43 3.72
C LEU A 32 -8.12 10.29 4.04
N LEU A 33 -8.94 11.22 3.55
CA LEU A 33 -10.38 11.18 3.84
C LEU A 33 -11.04 9.95 3.22
N TYR A 34 -10.62 9.58 2.00
CA TYR A 34 -11.19 8.39 1.36
C TYR A 34 -10.83 7.13 2.14
N GLY A 35 -9.55 6.98 2.49
CA GLY A 35 -9.14 5.80 3.24
C GLY A 35 -9.86 5.68 4.56
N LEU A 36 -10.01 6.81 5.27
CA LEU A 36 -10.74 6.80 6.53
C LEU A 36 -12.21 6.47 6.31
N TYR A 37 -12.81 7.00 5.24
CA TYR A 37 -14.22 6.73 4.99
C TYR A 37 -14.47 5.26 4.70
N LYS A 38 -13.64 4.65 3.87
CA LYS A 38 -13.80 3.23 3.56
C LYS A 38 -13.47 2.37 4.78
N GLN A 39 -12.44 2.75 5.54
CA GLN A 39 -12.07 1.99 6.72
C GLN A 39 -13.15 2.02 7.79
N ALA A 40 -13.91 3.11 7.86
CA ALA A 40 -14.95 3.22 8.88
C ALA A 40 -16.21 2.46 8.51
N THR A 41 -16.54 2.41 7.22
CA THR A 41 -17.78 1.80 6.76
C THR A 41 -17.60 0.35 6.33
N VAL A 42 -16.52 0.05 5.62
CA VAL A 42 -16.27 -1.31 5.15
C VAL A 42 -15.34 -2.06 6.09
N GLY A 43 -14.38 -1.36 6.69
CA GLY A 43 -13.34 -1.99 7.47
C GLY A 43 -12.09 -2.16 6.65
N PRO A 44 -11.14 -2.97 7.15
CA PRO A 44 -9.90 -3.19 6.40
C PRO A 44 -10.17 -3.72 5.00
N VAL A 45 -9.38 -3.26 4.03
CA VAL A 45 -9.59 -3.62 2.65
C VAL A 45 -9.30 -5.11 2.45
N THR A 46 -10.21 -5.81 1.80
CA THR A 46 -10.01 -7.19 1.42
C THR A 46 -10.03 -7.39 -0.08
N THR A 47 -10.27 -6.33 -0.85
CA THR A 47 -10.19 -6.40 -2.30
C THR A 47 -8.73 -6.47 -2.75
N GLY A 48 -8.48 -7.25 -3.80
CA GLY A 48 -7.15 -7.25 -4.39
C GLY A 48 -6.78 -5.89 -4.93
N ARG A 49 -5.47 -5.62 -4.95
CA ARG A 49 -4.98 -4.34 -5.43
C ARG A 49 -5.33 -4.17 -6.91
N PRO A 50 -5.80 -2.99 -7.32
CA PRO A 50 -6.15 -2.79 -8.73
C PRO A 50 -4.95 -2.95 -9.64
N GLY A 51 -5.24 -2.94 -10.95
CA GLY A 51 -4.20 -3.16 -11.94
C GLY A 51 -3.16 -2.07 -11.95
N ILE A 52 -1.99 -2.41 -12.50
CA ILE A 52 -0.84 -1.51 -12.47
C ILE A 52 -1.09 -0.24 -13.26
N PHE A 53 -2.05 -0.23 -14.17
CA PHE A 53 -2.35 0.94 -14.97
C PHE A 53 -3.68 1.60 -14.60
N ASN A 54 -4.40 1.05 -13.63
CA ASN A 54 -5.58 1.72 -13.07
C ASN A 54 -5.13 2.53 -11.85
N LEU A 55 -4.45 3.64 -12.15
CA LEU A 55 -3.74 4.38 -11.10
C LEU A 55 -4.70 5.13 -10.18
N LYS A 56 -5.80 5.65 -10.73
CA LYS A 56 -6.74 6.38 -9.90
C LYS A 56 -7.31 5.49 -8.80
N ASP A 57 -7.67 4.25 -9.14
CA ASP A 57 -8.10 3.29 -8.14
C ASP A 57 -6.94 2.72 -7.33
N ARG A 58 -5.74 2.70 -7.89
CA ARG A 58 -4.60 2.17 -7.15
C ARG A 58 -4.18 3.09 -6.01
N TYR A 59 -4.29 4.40 -6.20
CA TYR A 59 -3.97 5.33 -5.13
C TYR A 59 -5.06 5.36 -4.07
N LYS A 60 -6.33 5.22 -4.49
CA LYS A 60 -7.41 5.10 -3.52
C LYS A 60 -7.28 3.82 -2.70
N TRP A 61 -6.85 2.74 -3.36
CA TRP A 61 -6.63 1.49 -2.66
C TRP A 61 -5.48 1.59 -1.67
N ASP A 62 -4.38 2.22 -2.09
CA ASP A 62 -3.22 2.38 -1.20
C ASP A 62 -3.56 3.19 0.03
N ALA A 63 -4.31 4.29 -0.15
CA ALA A 63 -4.71 5.10 0.99
C ALA A 63 -5.62 4.32 1.95
N TRP A 64 -6.48 3.47 1.40
CA TRP A 64 -7.31 2.61 2.23
C TRP A 64 -6.45 1.54 2.91
N LYS A 65 -5.49 0.96 2.19
CA LYS A 65 -4.60 -0.04 2.77
C LYS A 65 -3.80 0.55 3.93
N ALA A 66 -3.45 1.83 3.86
CA ALA A 66 -2.56 2.43 4.85
C ALA A 66 -3.19 2.53 6.23
N VAL A 67 -4.53 2.56 6.31
CA VAL A 67 -5.20 2.71 7.59
C VAL A 67 -5.91 1.42 7.98
N GLU A 68 -5.38 0.28 7.51
CA GLU A 68 -6.04 -1.00 7.79
C GLU A 68 -6.00 -1.35 9.28
N GLY A 69 -5.11 -0.72 10.06
CA GLY A 69 -5.03 -1.02 11.47
C GLY A 69 -6.08 -0.34 12.33
N LYS A 70 -6.76 0.67 11.80
CA LYS A 70 -7.79 1.37 12.56
C LYS A 70 -9.07 0.56 12.59
N SER A 71 -9.73 0.53 13.75
CA SER A 71 -11.03 -0.09 13.84
C SER A 71 -12.09 0.81 13.22
N LYS A 72 -13.28 0.25 13.05
CA LYS A 72 -14.35 0.99 12.38
C LYS A 72 -14.72 2.25 13.17
N GLU A 73 -14.87 2.12 14.49
CA GLU A 73 -15.21 3.30 15.29
C GLU A 73 -14.01 4.23 15.43
N GLU A 74 -12.81 3.67 15.52
CA GLU A 74 -11.61 4.51 15.53
C GLU A 74 -11.47 5.29 14.22
N ALA A 75 -11.81 4.65 13.10
CA ALA A 75 -11.75 5.34 11.81
C ALA A 75 -12.85 6.38 11.67
N MET A 76 -14.03 6.12 12.25
CA MET A 76 -15.09 7.12 12.28
C MET A 76 -14.62 8.38 13.00
N ALA A 77 -14.00 8.20 14.18
CA ALA A 77 -13.56 9.35 14.97
C ALA A 77 -12.42 10.10 14.27
N ASP A 78 -11.47 9.38 13.67
CA ASP A 78 -10.40 10.05 12.95
C ASP A 78 -10.91 10.77 11.71
N TYR A 79 -11.94 10.21 11.05
CA TYR A 79 -12.53 10.87 9.90
C TYR A 79 -13.20 12.18 10.31
N ILE A 80 -13.98 12.14 11.40
CA ILE A 80 -14.61 13.35 11.91
C ILE A 80 -13.55 14.39 12.27
N THR A 81 -12.50 13.94 12.94
CA THR A 81 -11.44 14.85 13.34
C THR A 81 -10.76 15.49 12.13
N LYS A 82 -10.54 14.70 11.08
CA LYS A 82 -9.88 15.23 9.89
C LYS A 82 -10.76 16.23 9.16
N VAL A 83 -12.07 15.98 9.11
CA VAL A 83 -12.98 16.94 8.48
C VAL A 83 -13.08 18.21 9.33
N LYS A 84 -13.08 18.08 10.66
CA LYS A 84 -13.10 19.26 11.51
C LYS A 84 -11.88 20.13 11.29
N GLN A 85 -10.70 19.51 11.25
CA GLN A 85 -9.45 20.27 11.08
C GLN A 85 -9.44 21.02 9.76
N LEU A 86 -10.03 20.42 8.70
CA LEU A 86 -10.06 21.07 7.40
C LEU A 86 -11.09 22.19 7.36
N LEU A 87 -12.23 22.01 8.03
CA LEU A 87 -13.25 23.06 8.04
C LEU A 87 -12.77 24.29 8.80
N GLU A 88 -12.16 24.10 9.97
CA GLU A 88 -11.71 25.24 10.76
C GLU A 88 -10.48 25.91 10.17
N GLU A 89 -9.66 25.18 9.39
CA GLU A 89 -8.52 25.80 8.74
C GLU A 89 -8.94 26.63 7.54
N ALA A 90 -9.94 26.15 6.78
CA ALA A 90 -10.46 26.95 5.67
C ALA A 90 -11.19 28.18 6.19
N SER A 91 -11.82 28.09 7.37
CA SER A 91 -12.48 29.24 7.96
C SER A 91 -11.49 30.29 8.45
N ALA A 92 -10.28 29.87 8.82
CA ALA A 92 -9.25 30.80 9.26
C ALA A 92 -8.48 31.43 8.10
N SER A 93 -8.72 30.98 6.87
CA SER A 93 -8.05 31.52 5.70
CA SER A 93 -8.05 31.52 5.70
C SER A 93 -8.90 32.50 4.92
N THR A 94 -10.22 32.38 4.98
CA THR A 94 -11.12 33.28 4.28
C THR A 94 -11.50 34.45 5.18
N SER A 95 -11.95 35.53 4.56
CA SER A 95 -12.32 36.74 5.27
C SER A 95 -13.63 36.56 6.04
N GLY B 6 20.28 -16.07 -21.62
CA GLY B 6 20.98 -15.18 -20.72
C GLY B 6 20.16 -14.81 -19.49
N LEU B 7 18.90 -14.44 -19.72
CA LEU B 7 18.03 -14.05 -18.62
C LEU B 7 17.61 -15.26 -17.80
N GLN B 8 17.32 -16.38 -18.46
CA GLN B 8 16.90 -17.57 -17.73
C GLN B 8 18.03 -18.13 -16.87
N GLU B 9 19.24 -18.21 -17.43
CA GLU B 9 20.37 -18.71 -16.65
C GLU B 9 20.76 -17.74 -15.54
N GLU B 10 20.46 -16.45 -15.71
CA GLU B 10 20.64 -15.51 -14.60
C GLU B 10 19.48 -15.56 -13.62
N PHE B 11 18.27 -15.84 -14.09
CA PHE B 11 17.14 -16.02 -13.19
C PHE B 11 17.36 -17.22 -12.28
N GLU B 12 17.83 -18.33 -12.85
CA GLU B 12 18.13 -19.50 -12.03
C GLU B 12 19.26 -19.24 -11.05
N GLU B 13 20.18 -18.35 -11.43
CA GLU B 13 21.33 -18.06 -10.56
C GLU B 13 20.89 -17.36 -9.28
N PHE B 14 20.01 -16.38 -9.39
CA PHE B 14 19.55 -15.63 -8.23
C PHE B 14 18.37 -16.28 -7.53
N ALA B 15 17.73 -17.28 -8.16
CA ALA B 15 16.77 -18.10 -7.43
C ALA B 15 17.47 -18.90 -6.34
N GLU B 16 18.71 -19.33 -6.60
CA GLU B 16 19.49 -20.01 -5.58
C GLU B 16 19.99 -19.03 -4.53
N LYS B 17 20.34 -17.81 -4.94
CA LYS B 17 20.80 -16.80 -3.99
C LYS B 17 19.68 -16.36 -3.06
N ALA B 18 18.42 -16.49 -3.49
CA ALA B 18 17.30 -16.12 -2.64
C ALA B 18 17.19 -17.02 -1.42
N LYS B 19 17.64 -18.27 -1.53
CA LYS B 19 17.59 -19.19 -0.40
C LYS B 19 18.58 -18.81 0.70
N THR B 20 19.63 -18.06 0.36
CA THR B 20 20.68 -17.72 1.30
C THR B 20 20.51 -16.32 1.89
N LEU B 21 19.31 -15.77 1.79
CA LEU B 21 19.02 -14.51 2.47
C LEU B 21 18.77 -14.77 3.95
N PRO B 22 19.05 -13.79 4.81
CA PRO B 22 18.74 -13.96 6.22
C PRO B 22 17.24 -14.01 6.45
N ASP B 23 16.83 -14.83 7.42
CA ASP B 23 15.40 -14.99 7.69
C ASP B 23 14.76 -13.72 8.23
N THR B 24 15.56 -12.72 8.61
CA THR B 24 15.03 -11.45 9.10
C THR B 24 14.40 -10.60 8.02
N ILE B 25 14.48 -11.01 6.74
CA ILE B 25 13.83 -10.23 5.69
C ILE B 25 12.32 -10.22 5.94
N SER B 26 11.68 -9.12 5.53
CA SER B 26 10.29 -8.91 5.86
C SER B 26 9.39 -9.95 5.20
N ASN B 27 8.29 -10.27 5.88
CA ASN B 27 7.30 -11.17 5.31
C ASN B 27 6.78 -10.64 3.98
N GLU B 28 6.68 -9.33 3.84
CA GLU B 28 6.22 -8.75 2.58
C GLU B 28 7.18 -9.09 1.44
N ASP B 29 8.48 -8.97 1.68
CA ASP B 29 9.45 -9.29 0.63
C ASP B 29 9.40 -10.76 0.26
N LYS B 30 9.14 -11.63 1.23
CA LYS B 30 8.97 -13.05 0.91
C LYS B 30 7.76 -13.26 0.01
N LEU B 31 6.69 -12.52 0.25
CA LEU B 31 5.53 -12.60 -0.63
C LEU B 31 5.80 -11.97 -1.98
N LEU B 32 6.62 -10.92 -2.03
CA LEU B 32 7.00 -10.32 -3.30
C LEU B 32 7.84 -11.29 -4.13
N LEU B 33 8.82 -11.94 -3.49
CA LEU B 33 9.68 -12.86 -4.21
C LEU B 33 8.91 -14.08 -4.71
N TYR B 34 8.02 -14.63 -3.88
CA TYR B 34 7.22 -15.77 -4.32
C TYR B 34 6.36 -15.39 -5.51
N GLY B 35 5.63 -14.27 -5.42
CA GLY B 35 4.77 -13.86 -6.52
C GLY B 35 5.53 -13.64 -7.81
N LEU B 36 6.68 -12.98 -7.71
CA LEU B 36 7.51 -12.76 -8.90
C LEU B 36 8.06 -14.08 -9.43
N TYR B 37 8.35 -15.03 -8.55
CA TYR B 37 8.87 -16.32 -9.01
C TYR B 37 7.82 -17.08 -9.79
N LYS B 38 6.60 -17.16 -9.26
CA LYS B 38 5.54 -17.88 -9.96
C LYS B 38 5.13 -17.17 -11.23
N GLN B 39 5.16 -15.83 -11.24
CA GLN B 39 4.78 -15.08 -12.43
C GLN B 39 5.80 -15.26 -13.56
N ALA B 40 7.07 -15.52 -13.20
CA ALA B 40 8.12 -15.65 -14.19
C ALA B 40 8.22 -17.06 -14.76
N THR B 41 7.79 -18.07 -14.00
CA THR B 41 7.88 -19.46 -14.43
C THR B 41 6.56 -20.02 -14.93
N VAL B 42 5.46 -19.71 -14.26
CA VAL B 42 4.16 -20.24 -14.64
C VAL B 42 3.39 -19.19 -15.43
N GLY B 43 3.60 -17.92 -15.09
CA GLY B 43 2.83 -16.85 -15.68
C GLY B 43 1.69 -16.46 -14.77
N PRO B 44 0.75 -15.68 -15.29
CA PRO B 44 -0.38 -15.22 -14.47
C PRO B 44 -1.17 -16.38 -13.91
N VAL B 45 -1.64 -16.22 -12.66
CA VAL B 45 -2.27 -17.31 -11.95
C VAL B 45 -3.62 -17.62 -12.56
N THR B 46 -3.85 -18.90 -12.84
CA THR B 46 -5.14 -19.37 -13.35
C THR B 46 -5.78 -20.40 -12.43
N THR B 47 -5.12 -20.77 -11.33
CA THR B 47 -5.71 -21.62 -10.32
C THR B 47 -6.66 -20.81 -9.45
N GLY B 48 -7.82 -21.39 -9.15
CA GLY B 48 -8.77 -20.72 -8.28
C GLY B 48 -8.17 -20.43 -6.90
N ARG B 49 -8.72 -19.41 -6.26
CA ARG B 49 -8.18 -18.95 -4.98
C ARG B 49 -8.35 -20.03 -3.93
N PRO B 50 -7.35 -20.27 -3.09
CA PRO B 50 -7.45 -21.31 -2.07
C PRO B 50 -8.59 -21.04 -1.09
N GLY B 51 -8.84 -22.02 -0.23
CA GLY B 51 -9.95 -21.93 0.70
C GLY B 51 -9.79 -20.80 1.69
N ILE B 52 -10.92 -20.44 2.32
CA ILE B 52 -10.96 -19.30 3.21
C ILE B 52 -10.12 -19.50 4.47
N PHE B 53 -9.81 -20.74 4.84
CA PHE B 53 -9.02 -20.99 6.03
C PHE B 53 -7.65 -21.59 5.74
N ASN B 54 -7.31 -21.80 4.47
CA ASN B 54 -5.95 -22.20 4.08
C ASN B 54 -5.14 -20.94 3.80
N LEU B 55 -4.83 -20.22 4.89
CA LEU B 55 -4.33 -18.86 4.77
C LEU B 55 -2.92 -18.80 4.20
N LYS B 56 -2.08 -19.79 4.53
CA LYS B 56 -0.70 -19.76 4.07
C LYS B 56 -0.63 -19.82 2.54
N ASP B 57 -1.43 -20.70 1.92
CA ASP B 57 -1.52 -20.70 0.46
C ASP B 57 -2.32 -19.51 -0.05
N ARG B 58 -3.18 -18.92 0.78
CA ARG B 58 -3.97 -17.79 0.34
C ARG B 58 -3.10 -16.55 0.16
N TYR B 59 -2.16 -16.32 1.07
CA TYR B 59 -1.23 -15.19 0.93
C TYR B 59 -0.28 -15.41 -0.25
N LYS B 60 0.14 -16.65 -0.47
CA LYS B 60 0.95 -16.94 -1.66
C LYS B 60 0.17 -16.65 -2.94
N TRP B 61 -1.11 -17.03 -2.97
CA TRP B 61 -1.95 -16.75 -4.13
C TRP B 61 -2.15 -15.26 -4.31
N ASP B 62 -2.39 -14.52 -3.21
CA ASP B 62 -2.69 -13.10 -3.31
C ASP B 62 -1.51 -12.30 -3.86
N ALA B 63 -0.29 -12.61 -3.40
CA ALA B 63 0.89 -11.91 -3.89
C ALA B 63 1.13 -12.23 -5.36
N TRP B 64 0.98 -13.50 -5.74
CA TRP B 64 1.08 -13.89 -7.13
C TRP B 64 0.03 -13.17 -7.98
N LYS B 65 -1.21 -13.14 -7.49
CA LYS B 65 -2.29 -12.43 -8.19
C LYS B 65 -1.94 -10.96 -8.40
N ALA B 66 -1.27 -10.34 -7.42
CA ALA B 66 -0.97 -8.92 -7.48
C ALA B 66 -0.05 -8.53 -8.63
N VAL B 67 0.75 -9.47 -9.13
CA VAL B 67 1.69 -9.15 -10.21
C VAL B 67 1.30 -9.87 -11.48
N GLU B 68 0.00 -10.11 -11.66
CA GLU B 68 -0.47 -10.81 -12.86
C GLU B 68 -0.17 -10.02 -14.13
N GLY B 69 -0.06 -8.69 -14.03
CA GLY B 69 0.17 -7.85 -15.20
C GLY B 69 1.55 -7.97 -15.80
N LYS B 70 2.51 -8.60 -15.10
CA LYS B 70 3.88 -8.67 -15.57
C LYS B 70 4.05 -9.86 -16.51
N SER B 71 4.80 -9.64 -17.58
CA SER B 71 5.13 -10.73 -18.49
C SER B 71 6.15 -11.67 -17.82
N LYS B 72 6.36 -12.82 -18.45
CA LYS B 72 7.28 -13.81 -17.89
C LYS B 72 8.70 -13.26 -17.82
N GLU B 73 9.20 -12.72 -18.94
CA GLU B 73 10.53 -12.13 -18.94
C GLU B 73 10.62 -10.94 -18.00
N GLU B 74 9.56 -10.12 -17.96
CA GLU B 74 9.54 -8.98 -17.06
C GLU B 74 9.60 -9.42 -15.60
N ALA B 75 8.89 -10.49 -15.25
CA ALA B 75 8.92 -11.00 -13.89
C ALA B 75 10.29 -11.57 -13.54
N MET B 76 10.95 -12.20 -14.51
CA MET B 76 12.30 -12.70 -14.29
C MET B 76 13.25 -11.56 -13.91
N ALA B 77 13.22 -10.47 -14.67
CA ALA B 77 14.11 -9.34 -14.41
C ALA B 77 13.79 -8.70 -13.07
N ASP B 78 12.50 -8.51 -12.76
CA ASP B 78 12.12 -7.92 -11.48
C ASP B 78 12.52 -8.81 -10.31
N TYR B 79 12.42 -10.12 -10.48
CA TYR B 79 12.84 -11.05 -9.43
C TYR B 79 14.34 -10.93 -9.19
N ILE B 80 15.13 -10.88 -10.25
CA ILE B 80 16.58 -10.72 -10.11
C ILE B 80 16.89 -9.39 -9.44
N THR B 81 16.22 -8.32 -9.87
CA THR B 81 16.46 -7.00 -9.30
C THR B 81 16.11 -6.97 -7.81
N LYS B 82 15.00 -7.62 -7.44
CA LYS B 82 14.60 -7.62 -6.03
C LYS B 82 15.58 -8.40 -5.17
N VAL B 83 16.03 -9.56 -5.66
CA VAL B 83 17.02 -10.35 -4.91
C VAL B 83 18.33 -9.58 -4.80
N LYS B 84 18.76 -8.92 -5.89
CA LYS B 84 19.99 -8.14 -5.84
C LYS B 84 19.92 -7.06 -4.78
N GLN B 85 18.76 -6.38 -4.68
CA GLN B 85 18.63 -5.30 -3.72
C GLN B 85 18.68 -5.80 -2.28
N LEU B 86 18.18 -7.00 -2.02
CA LEU B 86 18.24 -7.55 -0.67
C LEU B 86 19.64 -8.09 -0.34
N LEU B 87 20.34 -8.62 -1.34
CA LEU B 87 21.68 -9.12 -1.09
C LEU B 87 22.65 -8.00 -0.76
N GLU B 88 22.57 -6.87 -1.49
CA GLU B 88 23.48 -5.76 -1.24
C GLU B 88 23.09 -4.94 -0.01
N GLU B 89 21.85 -5.07 0.46
CA GLU B 89 21.46 -4.36 1.68
C GLU B 89 21.90 -5.12 2.93
N ALA B 90 21.83 -6.45 2.91
CA ALA B 90 22.31 -7.23 4.04
C ALA B 90 23.83 -7.12 4.19
N SER B 91 24.55 -7.03 3.08
CA SER B 91 26.01 -6.86 3.14
C SER B 91 26.40 -5.45 3.55
N ALA B 92 25.51 -4.47 3.40
CA ALA B 92 25.75 -3.11 3.83
C ALA B 92 25.19 -2.83 5.23
N SER B 93 24.90 -3.88 5.99
CA SER B 93 24.31 -3.77 7.32
C SER B 93 25.36 -4.10 8.37
N THR B 94 25.06 -3.72 9.61
CA THR B 94 25.97 -3.93 10.72
C THR B 94 26.10 -5.41 11.07
N ARG C 1 -23.56 2.52 35.42
CA ARG C 1 -23.49 1.44 34.44
C ARG C 1 -22.60 0.31 34.93
N TRP C 2 -23.16 -0.90 35.03
CA TRP C 2 -22.40 -2.05 35.51
C TRP C 2 -21.43 -2.57 34.45
N GLY C 3 -21.78 -2.42 33.16
CA GLY C 3 -20.87 -2.85 32.12
C GLY C 3 -19.60 -2.03 32.08
N SER C 4 -19.72 -0.72 32.31
CA SER C 4 -18.54 0.14 32.30
C SER C 4 -17.61 -0.16 33.47
N MET C 5 -18.18 -0.45 34.64
CA MET C 5 -17.36 -0.78 35.79
C MET C 5 -16.73 -2.16 35.67
N GLY C 6 -17.42 -3.09 35.01
CA GLY C 6 -16.85 -4.41 34.81
C GLY C 6 -15.66 -4.39 33.86
N LEU C 7 -15.71 -3.52 32.84
CA LEU C 7 -14.60 -3.42 31.91
C LEU C 7 -13.39 -2.74 32.56
N GLN C 8 -13.64 -1.69 33.36
CA GLN C 8 -12.54 -1.01 34.04
C GLN C 8 -11.86 -1.92 35.06
N GLU C 9 -12.65 -2.70 35.80
CA GLU C 9 -12.10 -3.62 36.78
C GLU C 9 -11.23 -4.67 36.12
N GLU C 10 -11.65 -5.19 34.97
CA GLU C 10 -10.83 -6.14 34.24
C GLU C 10 -9.59 -5.48 33.66
N PHE C 11 -9.72 -4.23 33.23
CA PHE C 11 -8.57 -3.48 32.72
C PHE C 11 -7.47 -3.37 33.77
N GLU C 12 -7.83 -2.98 34.99
CA GLU C 12 -6.83 -2.92 36.06
C GLU C 12 -6.29 -4.30 36.40
N GLU C 13 -7.11 -5.34 36.27
CA GLU C 13 -6.64 -6.70 36.57
C GLU C 13 -5.53 -7.12 35.61
N PHE C 14 -5.76 -6.97 34.30
CA PHE C 14 -4.77 -7.38 33.32
C PHE C 14 -3.68 -6.35 33.13
N ALA C 15 -3.85 -5.12 33.61
CA ALA C 15 -2.72 -4.21 33.72
C ALA C 15 -1.73 -4.72 34.76
N GLU C 16 -2.22 -5.26 35.88
CA GLU C 16 -1.35 -5.85 36.88
C GLU C 16 -0.73 -7.15 36.38
N LYS C 17 -1.51 -7.99 35.71
CA LYS C 17 -0.97 -9.23 35.18
C LYS C 17 0.04 -8.99 34.07
N ALA C 18 -0.05 -7.86 33.38
CA ALA C 18 0.91 -7.56 32.33
C ALA C 18 2.31 -7.40 32.89
N LYS C 19 2.43 -6.94 34.14
CA LYS C 19 3.72 -6.76 34.77
C LYS C 19 4.48 -8.07 34.97
N THR C 20 3.81 -9.21 34.80
CA THR C 20 4.45 -10.51 34.91
C THR C 20 4.90 -11.07 33.56
N LEU C 21 4.79 -10.28 32.50
CA LEU C 21 5.24 -10.73 31.19
C LEU C 21 6.76 -10.61 31.09
N PRO C 22 7.41 -11.55 30.42
CA PRO C 22 8.85 -11.44 30.23
C PRO C 22 9.21 -10.29 29.30
N ASP C 23 10.38 -9.70 29.52
CA ASP C 23 10.85 -8.61 28.68
C ASP C 23 11.20 -9.05 27.27
N THR C 24 11.20 -10.36 27.00
CA THR C 24 11.52 -10.87 25.67
C THR C 24 10.41 -10.58 24.66
N ILE C 25 9.25 -10.09 25.10
CA ILE C 25 8.20 -9.73 24.16
C ILE C 25 8.71 -8.63 23.24
N SER C 26 8.14 -8.57 22.05
CA SER C 26 8.62 -7.64 21.02
C SER C 26 8.43 -6.19 21.47
N ASN C 27 9.26 -5.32 20.91
CA ASN C 27 9.08 -3.89 21.14
C ASN C 27 7.75 -3.40 20.58
N GLU C 28 7.30 -4.01 19.47
CA GLU C 28 5.99 -3.67 18.92
C GLU C 28 4.88 -3.93 19.93
N ASP C 29 4.94 -5.07 20.61
CA ASP C 29 3.93 -5.37 21.63
C ASP C 29 4.06 -4.43 22.83
N LYS C 30 5.30 -4.10 23.22
CA LYS C 30 5.49 -3.15 24.30
C LYS C 30 4.92 -1.78 23.94
N LEU C 31 5.11 -1.35 22.70
CA LEU C 31 4.60 -0.04 22.28
C LEU C 31 3.08 -0.07 22.12
N LEU C 32 2.54 -1.18 21.63
CA LEU C 32 1.09 -1.29 21.49
C LEU C 32 0.39 -1.21 22.84
N LEU C 33 0.91 -1.94 23.84
CA LEU C 33 0.31 -1.89 25.17
C LEU C 33 0.39 -0.50 25.77
N TYR C 34 1.50 0.20 25.54
CA TYR C 34 1.65 1.54 26.09
C TYR C 34 0.64 2.51 25.49
N GLY C 35 0.51 2.50 24.15
CA GLY C 35 -0.47 3.37 23.52
C GLY C 35 -1.88 3.07 23.96
N LEU C 36 -2.24 1.78 24.02
CA LEU C 36 -3.57 1.40 24.49
C LEU C 36 -3.77 1.78 25.94
N TYR C 37 -2.73 1.66 26.76
CA TYR C 37 -2.88 1.99 28.18
C TYR C 37 -3.07 3.49 28.38
N LYS C 38 -2.29 4.31 27.67
CA LYS C 38 -2.44 5.76 27.78
C LYS C 38 -3.78 6.22 27.20
N GLN C 39 -4.23 5.59 26.11
CA GLN C 39 -5.50 5.95 25.52
C GLN C 39 -6.66 5.55 26.43
N ALA C 40 -6.53 4.43 27.13
CA ALA C 40 -7.60 3.97 28.02
C ALA C 40 -7.69 4.82 29.28
N THR C 41 -6.57 5.41 29.73
CA THR C 41 -6.51 6.09 31.01
C THR C 41 -6.49 7.61 30.89
N VAL C 42 -5.79 8.16 29.90
CA VAL C 42 -5.69 9.60 29.75
C VAL C 42 -6.64 10.07 28.65
N GLY C 43 -6.79 9.27 27.60
CA GLY C 43 -7.57 9.66 26.46
C GLY C 43 -6.69 10.03 25.29
N PRO C 44 -7.26 10.71 24.30
CA PRO C 44 -6.47 11.13 23.14
C PRO C 44 -5.30 12.02 23.55
N VAL C 45 -4.15 11.77 22.92
CA VAL C 45 -2.93 12.48 23.30
C VAL C 45 -3.05 13.95 22.92
N THR C 46 -2.69 14.82 23.85
CA THR C 46 -2.64 16.26 23.60
C THR C 46 -1.27 16.86 23.84
N THR C 47 -0.35 16.11 24.44
CA THR C 47 0.98 16.64 24.74
C THR C 47 1.83 16.73 23.47
N GLY C 48 2.96 17.40 23.60
CA GLY C 48 3.86 17.55 22.48
C GLY C 48 4.62 16.27 22.18
N ARG C 49 5.17 16.22 20.99
CA ARG C 49 5.91 15.08 20.47
C ARG C 49 7.40 15.24 20.75
N PRO C 50 8.04 14.27 21.41
CA PRO C 50 9.47 14.40 21.72
C PRO C 50 10.31 14.40 20.46
N GLY C 51 11.53 14.94 20.61
CA GLY C 51 12.42 15.06 19.47
C GLY C 51 12.92 13.72 18.97
N ILE C 52 13.48 13.75 17.75
CA ILE C 52 14.05 12.54 17.18
C ILE C 52 15.30 12.10 17.93
N PHE C 53 15.94 13.01 18.67
CA PHE C 53 17.07 12.64 19.50
C PHE C 53 16.67 11.75 20.66
N ASN C 54 15.40 11.75 21.03
CA ASN C 54 14.88 10.96 22.13
C ASN C 54 13.95 9.87 21.59
N LEU C 55 14.56 8.87 20.95
CA LEU C 55 13.79 7.86 20.23
C LEU C 55 12.86 7.09 21.17
N LYS C 56 13.34 6.72 22.35
CA LYS C 56 12.54 5.93 23.27
C LYS C 56 11.23 6.65 23.61
N ASP C 57 11.33 7.93 24.01
CA ASP C 57 10.12 8.70 24.27
C ASP C 57 9.37 9.02 22.98
N ARG C 58 10.10 9.14 21.87
CA ARG C 58 9.45 9.40 20.58
C ARG C 58 8.62 8.21 20.12
N TYR C 59 9.16 7.00 20.26
CA TYR C 59 8.39 5.80 19.94
C TYR C 59 7.13 5.69 20.78
N LYS C 60 7.25 5.97 22.08
CA LYS C 60 6.09 5.86 22.97
C LYS C 60 5.02 6.88 22.62
N TRP C 61 5.41 8.05 22.12
CA TRP C 61 4.40 9.05 21.76
C TRP C 61 3.65 8.66 20.50
N ASP C 62 4.36 8.15 19.48
CA ASP C 62 3.71 7.75 18.24
C ASP C 62 2.73 6.60 18.47
N ALA C 63 3.06 5.67 19.37
CA ALA C 63 2.14 4.58 19.67
C ALA C 63 0.84 5.10 20.28
N TRP C 64 0.95 6.06 21.21
CA TRP C 64 -0.23 6.68 21.79
C TRP C 64 -1.01 7.46 20.74
N LYS C 65 -0.31 8.20 19.88
CA LYS C 65 -0.98 9.00 18.86
C LYS C 65 -1.72 8.12 17.85
N ALA C 66 -1.20 6.93 17.58
CA ALA C 66 -1.79 6.06 16.55
C ALA C 66 -3.20 5.59 16.93
N VAL C 67 -3.51 5.52 18.22
CA VAL C 67 -4.80 4.99 18.66
C VAL C 67 -5.67 6.10 19.21
N GLU C 68 -5.46 7.34 18.74
CA GLU C 68 -6.18 8.48 19.27
C GLU C 68 -7.67 8.44 18.94
N GLY C 69 -8.05 7.72 17.89
CA GLY C 69 -9.47 7.62 17.55
C GLY C 69 -10.26 6.66 18.41
N LYS C 70 -9.59 5.84 19.21
CA LYS C 70 -10.27 4.88 20.06
C LYS C 70 -10.85 5.55 21.30
N SER C 71 -12.06 5.15 21.66
CA SER C 71 -12.62 5.57 22.94
C SER C 71 -11.88 4.88 24.07
N LYS C 72 -12.11 5.37 25.30
CA LYS C 72 -11.46 4.75 26.45
C LYS C 72 -11.90 3.29 26.60
N GLU C 73 -13.16 2.99 26.31
CA GLU C 73 -13.66 1.64 26.47
CA GLU C 73 -13.67 1.63 26.47
C GLU C 73 -13.08 0.70 25.42
N GLU C 74 -12.94 1.18 24.18
CA GLU C 74 -12.33 0.35 23.14
C GLU C 74 -10.86 0.10 23.45
N ALA C 75 -10.14 1.13 23.90
CA ALA C 75 -8.74 0.96 24.24
C ALA C 75 -8.55 -0.02 25.40
N MET C 76 -9.47 0.00 26.36
CA MET C 76 -9.43 -0.98 27.44
C MET C 76 -9.63 -2.38 26.91
N ALA C 77 -10.62 -2.56 26.02
CA ALA C 77 -10.92 -3.89 25.49
C ALA C 77 -9.76 -4.42 24.66
N ASP C 78 -9.12 -3.56 23.86
CA ASP C 78 -7.96 -3.99 23.09
C ASP C 78 -6.80 -4.34 23.99
N TYR C 79 -6.59 -3.54 25.04
CA TYR C 79 -5.50 -3.81 25.99
C TYR C 79 -5.70 -5.16 26.66
N ILE C 80 -6.92 -5.42 27.14
CA ILE C 80 -7.20 -6.70 27.80
C ILE C 80 -7.03 -7.84 26.82
N THR C 81 -7.50 -7.65 25.58
CA THR C 81 -7.39 -8.71 24.58
C THR C 81 -5.94 -9.00 24.23
N LYS C 82 -5.11 -7.96 24.17
CA LYS C 82 -3.70 -8.16 23.82
C LYS C 82 -2.93 -8.81 24.96
N VAL C 83 -3.17 -8.38 26.20
CA VAL C 83 -2.48 -8.96 27.34
C VAL C 83 -2.86 -10.43 27.49
N LYS C 84 -4.15 -10.74 27.36
CA LYS C 84 -4.58 -12.13 27.45
C LYS C 84 -3.89 -13.00 26.41
N GLN C 85 -3.64 -12.44 25.22
CA GLN C 85 -2.89 -13.18 24.21
C GLN C 85 -1.44 -13.39 24.62
N LEU C 86 -0.82 -12.37 25.20
CA LEU C 86 0.58 -12.47 25.58
C LEU C 86 0.79 -13.44 26.75
N LEU C 87 -0.18 -13.52 27.66
CA LEU C 87 -0.05 -14.44 28.78
C LEU C 87 -0.02 -15.89 28.32
N GLU C 88 -0.86 -16.25 27.36
CA GLU C 88 -0.89 -17.62 26.87
C GLU C 88 0.21 -17.93 25.87
N GLU C 89 0.92 -16.91 25.36
CA GLU C 89 2.07 -17.17 24.51
C GLU C 89 3.34 -17.44 25.31
N ALA C 90 3.48 -16.81 26.48
CA ALA C 90 4.67 -17.00 27.31
C ALA C 90 4.76 -18.41 27.88
N SER C 91 3.66 -19.15 27.93
CA SER C 91 3.63 -20.50 28.50
C SER C 91 4.02 -21.56 27.49
N ALA C 92 4.95 -21.26 26.58
CA ALA C 92 5.41 -22.20 25.56
C ALA C 92 4.26 -22.77 24.74
N ARG D 1 21.51 -7.16 -34.92
CA ARG D 1 21.17 -7.99 -36.07
C ARG D 1 20.07 -7.34 -36.91
N TRP D 2 19.54 -8.08 -37.89
CA TRP D 2 18.48 -7.56 -38.73
C TRP D 2 17.14 -7.49 -38.02
N GLY D 3 16.88 -8.42 -37.09
CA GLY D 3 15.62 -8.41 -36.38
C GLY D 3 15.47 -7.21 -35.46
N SER D 4 16.58 -6.80 -34.83
CA SER D 4 16.53 -5.62 -33.98
C SER D 4 16.24 -4.36 -34.78
N MET D 5 16.87 -4.22 -35.95
CA MET D 5 16.60 -3.06 -36.80
C MET D 5 15.15 -3.05 -37.26
N GLY D 6 14.61 -4.22 -37.62
CA GLY D 6 13.24 -4.26 -38.09
C GLY D 6 12.23 -3.91 -37.01
N LEU D 7 12.46 -4.36 -35.78
CA LEU D 7 11.56 -4.02 -34.69
C LEU D 7 11.64 -2.53 -34.36
N GLN D 8 12.80 -1.91 -34.54
CA GLN D 8 12.95 -0.49 -34.22
C GLN D 8 12.16 0.38 -35.20
N GLU D 9 12.25 0.09 -36.49
CA GLU D 9 11.54 0.93 -37.45
C GLU D 9 10.03 0.67 -37.46
N GLU D 10 9.60 -0.49 -36.98
CA GLU D 10 8.17 -0.67 -36.72
C GLU D 10 7.75 0.14 -35.49
N PHE D 11 8.62 0.22 -34.49
CA PHE D 11 8.32 1.05 -33.32
C PHE D 11 8.20 2.52 -33.71
N GLU D 12 9.11 3.02 -34.54
CA GLU D 12 9.04 4.40 -35.00
C GLU D 12 7.81 4.64 -35.85
N GLU D 13 7.43 3.65 -36.67
CA GLU D 13 6.25 3.81 -37.51
C GLU D 13 4.98 3.93 -36.69
N PHE D 14 4.76 3.00 -35.76
CA PHE D 14 3.54 3.03 -34.96
C PHE D 14 3.59 4.06 -33.84
N ALA D 15 4.77 4.62 -33.53
CA ALA D 15 4.81 5.82 -32.70
C ALA D 15 4.28 7.02 -33.47
N GLU D 16 4.50 7.06 -34.79
CA GLU D 16 3.94 8.14 -35.60
C GLU D 16 2.45 7.95 -35.81
N LYS D 17 2.02 6.73 -36.09
CA LYS D 17 0.59 6.46 -36.22
C LYS D 17 -0.16 6.74 -34.92
N ALA D 18 0.53 6.60 -33.77
CA ALA D 18 -0.11 6.86 -32.49
C ALA D 18 -0.61 8.29 -32.38
N LYS D 19 0.04 9.24 -33.06
CA LYS D 19 -0.41 10.62 -33.03
C LYS D 19 -1.79 10.79 -33.67
N THR D 20 -2.15 9.91 -34.60
CA THR D 20 -3.45 9.95 -35.25
C THR D 20 -4.54 9.23 -34.46
N LEU D 21 -4.33 9.04 -33.16
CA LEU D 21 -5.34 8.45 -32.28
C LEU D 21 -6.21 9.55 -31.68
N PRO D 22 -7.52 9.36 -31.65
CA PRO D 22 -8.41 10.36 -31.05
C PRO D 22 -8.19 10.46 -29.55
N ASP D 23 -8.71 11.54 -28.97
CA ASP D 23 -8.66 11.69 -27.52
C ASP D 23 -9.62 10.75 -26.81
N THR D 24 -10.42 9.99 -27.56
CA THR D 24 -11.33 9.02 -26.96
C THR D 24 -10.61 7.87 -26.27
N ILE D 25 -9.29 7.79 -26.40
CA ILE D 25 -8.53 6.73 -25.74
C ILE D 25 -8.51 6.98 -24.23
N SER D 26 -8.61 5.92 -23.46
CA SER D 26 -8.69 6.04 -22.01
C SER D 26 -7.37 6.52 -21.44
N ASN D 27 -7.45 7.13 -20.24
CA ASN D 27 -6.24 7.58 -19.57
C ASN D 27 -5.35 6.40 -19.20
N GLU D 28 -5.93 5.23 -18.99
CA GLU D 28 -5.13 4.03 -18.74
C GLU D 28 -4.28 3.68 -19.95
N ASP D 29 -4.85 3.77 -21.16
CA ASP D 29 -4.09 3.51 -22.37
C ASP D 29 -3.08 4.62 -22.63
N LYS D 30 -3.41 5.87 -22.27
CA LYS D 30 -2.44 6.95 -22.36
C LYS D 30 -1.24 6.68 -21.46
N LEU D 31 -1.50 6.26 -20.22
CA LEU D 31 -0.41 5.93 -19.30
C LEU D 31 0.34 4.68 -19.75
N LEU D 32 -0.37 3.71 -20.32
CA LEU D 32 0.27 2.48 -20.79
C LEU D 32 1.28 2.79 -21.90
N LEU D 33 0.85 3.54 -22.91
CA LEU D 33 1.74 3.84 -24.03
C LEU D 33 2.96 4.63 -23.55
N TYR D 34 2.76 5.58 -22.64
CA TYR D 34 3.86 6.39 -22.14
C TYR D 34 4.91 5.52 -21.46
N GLY D 35 4.48 4.65 -20.54
CA GLY D 35 5.44 3.79 -19.86
C GLY D 35 6.20 2.90 -20.82
N LEU D 36 5.51 2.32 -21.79
CA LEU D 36 6.17 1.47 -22.78
C LEU D 36 7.08 2.28 -23.68
N TYR D 37 6.67 3.51 -24.03
CA TYR D 37 7.51 4.33 -24.91
C TYR D 37 8.81 4.73 -24.21
N LYS D 38 8.73 5.09 -22.93
CA LYS D 38 9.93 5.46 -22.19
C LYS D 38 10.81 4.26 -21.94
N GLN D 39 10.20 3.09 -21.68
CA GLN D 39 10.99 1.89 -21.47
C GLN D 39 11.67 1.43 -22.76
N ALA D 40 11.03 1.67 -23.90
CA ALA D 40 11.59 1.28 -25.18
C ALA D 40 12.68 2.24 -25.67
N THR D 41 12.65 3.50 -25.23
CA THR D 41 13.60 4.51 -25.69
C THR D 41 14.65 4.86 -24.65
N VAL D 42 14.27 5.03 -23.40
CA VAL D 42 15.20 5.45 -22.36
C VAL D 42 15.67 4.24 -21.57
N GLY D 43 14.80 3.25 -21.39
CA GLY D 43 15.12 2.10 -20.59
C GLY D 43 14.48 2.19 -19.21
N PRO D 44 14.94 1.36 -18.29
CA PRO D 44 14.39 1.38 -16.93
C PRO D 44 14.54 2.76 -16.28
N VAL D 45 13.48 3.20 -15.61
CA VAL D 45 13.46 4.54 -15.04
C VAL D 45 14.51 4.66 -13.94
N THR D 46 15.22 5.78 -13.93
CA THR D 46 16.18 6.09 -12.88
C THR D 46 15.93 7.46 -12.26
N THR D 47 14.98 8.24 -12.77
CA THR D 47 14.71 9.56 -12.23
C THR D 47 13.86 9.46 -10.96
N GLY D 48 13.72 10.60 -10.28
CA GLY D 48 12.90 10.65 -9.10
C GLY D 48 11.41 10.70 -9.42
N ARG D 49 10.61 10.43 -8.39
CA ARG D 49 9.16 10.42 -8.55
C ARG D 49 8.58 11.78 -8.17
N PRO D 50 7.72 12.35 -9.01
CA PRO D 50 7.05 13.61 -8.63
C PRO D 50 6.16 13.43 -7.41
N GLY D 51 5.95 14.54 -6.70
CA GLY D 51 5.14 14.51 -5.49
C GLY D 51 3.68 14.23 -5.77
N ILE D 52 2.96 13.89 -4.70
CA ILE D 52 1.55 13.53 -4.81
C ILE D 52 0.71 14.69 -5.32
N PHE D 53 1.13 15.92 -5.03
CA PHE D 53 0.40 17.10 -5.48
C PHE D 53 0.50 17.29 -6.99
N ASN D 54 1.49 16.67 -7.64
CA ASN D 54 1.66 16.72 -9.08
C ASN D 54 1.20 15.39 -9.66
N LEU D 55 -0.11 15.16 -9.63
CA LEU D 55 -0.66 13.86 -10.00
C LEU D 55 -0.39 13.53 -11.47
N LYS D 56 -0.39 14.54 -12.34
CA LYS D 56 -0.14 14.28 -13.75
C LYS D 56 1.24 13.67 -13.97
N ASP D 57 2.28 14.32 -13.44
CA ASP D 57 3.63 13.81 -13.61
C ASP D 57 3.87 12.56 -12.78
N ARG D 58 3.17 12.41 -11.65
CA ARG D 58 3.36 11.22 -10.82
C ARG D 58 2.75 9.99 -11.48
N TYR D 59 1.57 10.14 -12.06
CA TYR D 59 0.95 9.03 -12.80
C TYR D 59 1.86 8.57 -13.94
N LYS D 60 2.46 9.52 -14.67
CA LYS D 60 3.37 9.15 -15.75
C LYS D 60 4.57 8.37 -15.21
N TRP D 61 5.10 8.77 -14.06
CA TRP D 61 6.27 8.08 -13.51
C TRP D 61 5.90 6.67 -13.05
N ASP D 62 4.72 6.52 -12.44
CA ASP D 62 4.29 5.19 -11.99
C ASP D 62 4.15 4.23 -13.16
N ALA D 63 3.61 4.70 -14.29
CA ALA D 63 3.44 3.83 -15.45
C ALA D 63 4.78 3.37 -15.98
N TRP D 64 5.75 4.29 -16.08
CA TRP D 64 7.09 3.93 -16.53
C TRP D 64 7.73 2.94 -15.55
N LYS D 65 7.64 3.22 -14.25
CA LYS D 65 8.20 2.31 -13.25
C LYS D 65 7.54 0.93 -13.31
N ALA D 66 6.24 0.91 -13.65
CA ALA D 66 5.49 -0.34 -13.66
C ALA D 66 5.93 -1.32 -14.75
N VAL D 67 6.70 -0.85 -15.75
CA VAL D 67 7.20 -1.72 -16.81
C VAL D 67 8.73 -1.82 -16.79
N GLU D 68 9.33 -1.57 -15.62
CA GLU D 68 10.79 -1.47 -15.55
C GLU D 68 11.50 -2.79 -15.83
N GLY D 69 10.81 -3.92 -15.70
CA GLY D 69 11.44 -5.19 -15.99
C GLY D 69 11.49 -5.55 -17.46
N LYS D 70 10.79 -4.81 -18.31
CA LYS D 70 10.74 -5.11 -19.73
C LYS D 70 12.01 -4.64 -20.41
N SER D 71 12.60 -5.52 -21.23
CA SER D 71 13.69 -5.10 -22.10
C SER D 71 13.17 -4.10 -23.12
N LYS D 72 14.10 -3.43 -23.82
CA LYS D 72 13.69 -2.46 -24.83
C LYS D 72 12.94 -3.13 -25.97
N GLU D 73 13.32 -4.37 -26.31
CA GLU D 73 12.62 -5.08 -27.38
C GLU D 73 11.19 -5.42 -26.96
N GLU D 74 11.03 -5.94 -25.74
CA GLU D 74 9.68 -6.28 -25.27
C GLU D 74 8.80 -5.05 -25.18
N ALA D 75 9.36 -3.92 -24.71
CA ALA D 75 8.59 -2.71 -24.58
C ALA D 75 8.19 -2.16 -25.95
N MET D 76 9.06 -2.31 -26.95
CA MET D 76 8.71 -1.93 -28.31
C MET D 76 7.57 -2.80 -28.84
N ALA D 77 7.65 -4.11 -28.62
CA ALA D 77 6.64 -5.03 -29.13
C ALA D 77 5.29 -4.76 -28.48
N ASP D 78 5.26 -4.60 -27.16
CA ASP D 78 4.02 -4.29 -26.46
C ASP D 78 3.45 -2.95 -26.92
N TYR D 79 4.32 -1.97 -27.15
CA TYR D 79 3.86 -0.68 -27.66
C TYR D 79 3.22 -0.82 -29.03
N ILE D 80 3.88 -1.55 -29.94
CA ILE D 80 3.35 -1.74 -31.29
C ILE D 80 1.99 -2.45 -31.23
N THR D 81 1.88 -3.48 -30.40
CA THR D 81 0.62 -4.23 -30.32
C THR D 81 -0.50 -3.35 -29.77
N LYS D 82 -0.21 -2.56 -28.74
CA LYS D 82 -1.25 -1.71 -28.16
C LYS D 82 -1.71 -0.64 -29.14
N VAL D 83 -0.76 -0.02 -29.84
CA VAL D 83 -1.12 0.97 -30.86
C VAL D 83 -1.91 0.32 -31.99
N LYS D 84 -1.54 -0.90 -32.37
CA LYS D 84 -2.32 -1.63 -33.38
C LYS D 84 -3.75 -1.86 -32.90
N GLN D 85 -3.92 -2.20 -31.62
CA GLN D 85 -5.26 -2.45 -31.09
C GLN D 85 -6.09 -1.19 -31.08
N LEU D 86 -5.51 -0.06 -30.68
CA LEU D 86 -6.28 1.18 -30.63
C LEU D 86 -6.58 1.71 -32.02
N LEU D 87 -5.72 1.42 -33.00
CA LEU D 87 -6.00 1.85 -34.36
C LEU D 87 -7.16 1.09 -34.97
N GLU D 88 -7.20 -0.23 -34.76
CA GLU D 88 -8.27 -1.04 -35.35
C GLU D 88 -9.58 -0.92 -34.59
N GLU D 89 -9.57 -0.41 -33.36
CA GLU D 89 -10.81 -0.14 -32.64
C GLU D 89 -11.39 1.22 -32.99
N ALA D 90 -10.54 2.24 -33.15
CA ALA D 90 -11.03 3.55 -33.57
C ALA D 90 -11.59 3.53 -34.98
N SER D 91 -11.24 2.52 -35.79
CA SER D 91 -11.77 2.38 -37.13
C SER D 91 -13.12 1.69 -37.18
N ALA D 92 -13.48 0.94 -36.13
CA ALA D 92 -14.75 0.23 -36.11
C ALA D 92 -15.90 1.12 -35.63
N SER D 93 -15.61 2.24 -34.98
CA SER D 93 -16.64 3.15 -34.50
C SER D 93 -17.11 4.14 -35.55
N THR D 94 -16.28 4.44 -36.54
CA THR D 94 -16.66 5.37 -37.60
C THR D 94 -17.70 4.74 -38.52
C1 MPD E . -14.98 10.10 -1.73
C2 MPD E . -15.81 9.67 -0.53
O2 MPD E . -17.15 10.20 -0.70
CM MPD E . -15.90 8.15 -0.49
C3 MPD E . -15.22 10.20 0.76
C4 MPD E . -15.61 11.66 0.99
O4 MPD E . -16.70 11.75 1.88
C5 MPD E . -14.44 12.45 1.58
C1 MPD F . -0.99 -8.23 0.27
C2 MPD F . 0.13 -9.14 -0.20
O2 MPD F . 1.26 -8.95 0.69
CM MPD F . -0.31 -10.60 -0.13
C3 MPD F . 0.56 -8.78 -1.61
C4 MPD F . 1.96 -8.17 -1.64
O4 MPD F . 2.91 -9.17 -1.93
C5 MPD F . 2.05 -7.06 -2.69
C1 MPD G . 5.36 -16.71 0.96
C2 MPD G . 6.03 -17.56 2.03
O2 MPD G . 5.08 -18.50 2.56
CM MPD G . 7.20 -18.33 1.43
C3 MPD G . 6.53 -16.66 3.16
C4 MPD G . 5.36 -16.21 4.04
O4 MPD G . 5.14 -17.16 5.07
C5 MPD G . 5.65 -14.85 4.66
C ACT H . -7.95 -25.05 -1.59
O ACT H . -8.29 -26.07 -0.99
OXT ACT H . -8.82 -24.16 -1.68
CH3 ACT H . -6.58 -24.89 -2.20
C1 MPD I . 4.81 8.46 -26.51
C2 MPD I . 3.45 8.32 -27.19
O2 MPD I . 3.48 7.15 -28.05
CM MPD I . 2.37 8.14 -26.15
C3 MPD I . 3.18 9.55 -28.04
C4 MPD I . 3.79 9.39 -29.43
O4 MPD I . 2.76 9.21 -30.37
C5 MPD I . 4.62 10.62 -29.82
#